data_5JBS
#
_entry.id   5JBS
#
_cell.length_a   67.503
_cell.length_b   78.723
_cell.length_c   70.840
_cell.angle_alpha   90.00
_cell.angle_beta   111.56
_cell.angle_gamma   90.00
#
_symmetry.space_group_name_H-M   'P 1 21 1'
#
loop_
_entity.id
_entity.type
_entity.pdbx_description
1 polymer 'Type IV secretion system protein virB8'
2 non-polymer 'CHLORIDE ION'
3 non-polymer GLYCEROL
4 non-polymer DI(HYDROXYETHYL)ETHER
5 non-polymer '4-(2-HYDROXYETHYL)-1-PIPERAZINE ETHANESULFONIC ACID'
6 water water
#
_entity_poly.entity_id   1
_entity_poly.type   'polypeptide(L)'
_entity_poly.pdbx_seq_one_letter_code
;SYDTVRDKYWLSQYVIARETYDWYTLQKDYETVGMLSSPSEGQSYASQFQGDKALDKQYGSNVRTSVTIVSIVPNGKGIG
TVRFAKTTKRTNETGDGETTHWIATIGYQYVNPSLMSESARLTNPLGFNVTSYRVDPEMGVV
;
_entity_poly.pdbx_strand_id   A,B,C,D
#
# COMPACT_ATOMS: atom_id res chain seq x y z
N SER A 1 -5.96 14.99 7.69
CA SER A 1 -4.75 15.82 7.42
C SER A 1 -3.49 15.08 7.90
N TYR A 2 -2.36 15.73 7.79
CA TYR A 2 -1.12 15.14 8.26
C TYR A 2 -1.10 14.77 9.82
N ASP A 3 -1.63 15.65 10.66
CA ASP A 3 -1.73 15.42 12.11
C ASP A 3 -2.54 14.18 12.47
N THR A 4 -3.65 13.99 11.81
CA THR A 4 -4.43 12.75 11.87
C THR A 4 -3.57 11.49 11.54
N VAL A 5 -2.79 11.61 10.48
CA VAL A 5 -1.93 10.49 10.00
C VAL A 5 -0.86 10.19 11.06
N ARG A 6 -0.24 11.24 11.53
CA ARG A 6 0.79 11.12 12.55
C ARG A 6 0.20 10.48 13.81
N ASP A 7 -0.89 11.07 14.31
CA ASP A 7 -1.59 10.57 15.51
C ASP A 7 -2.05 9.15 15.44
N LYS A 8 -2.70 8.81 14.36
CA LYS A 8 -3.17 7.46 14.13
C LYS A 8 -2.01 6.49 14.08
N TYR A 9 -0.90 6.85 13.42
CA TYR A 9 0.31 6.00 13.43
C TYR A 9 0.85 5.67 14.86
N TRP A 10 1.05 6.72 15.60
CA TRP A 10 1.58 6.57 16.92
C TRP A 10 0.64 5.89 17.93
N LEU A 11 -0.65 6.21 17.87
CA LEU A 11 -1.60 5.53 18.68
C LEU A 11 -1.56 4.03 18.45
N SER A 12 -1.50 3.58 17.19
CA SER A 12 -1.47 2.15 16.92
C SER A 12 -0.15 1.47 17.30
N GLN A 13 0.95 2.14 17.00
CA GLN A 13 2.28 1.66 17.43
C GLN A 13 2.31 1.46 18.92
N TYR A 14 1.71 2.42 19.66
CA TYR A 14 1.64 2.29 21.12
C TYR A 14 0.89 1.04 21.58
N VAL A 15 -0.31 0.83 21.03
CA VAL A 15 -1.16 -0.32 21.43
C VAL A 15 -0.48 -1.61 21.03
N ILE A 16 0.09 -1.64 19.83
CA ILE A 16 0.87 -2.86 19.43
C ILE A 16 2.06 -3.13 20.43
N ALA A 17 2.85 -2.09 20.76
CA ALA A 17 3.94 -2.35 21.64
C ALA A 17 3.47 -2.83 23.02
N ARG A 18 2.45 -2.17 23.51
CA ARG A 18 2.02 -2.39 24.88
C ARG A 18 1.17 -3.65 25.06
N GLU A 19 0.42 -4.06 24.06
CA GLU A 19 -0.43 -5.22 24.26
C GLU A 19 0.11 -6.52 23.72
N THR A 20 1.23 -6.46 23.00
CA THR A 20 1.81 -7.64 22.36
C THR A 20 2.62 -8.38 23.39
N TYR A 21 2.42 -9.70 23.48
CA TYR A 21 3.37 -10.54 24.19
C TYR A 21 3.96 -11.58 23.25
N ASP A 22 5.19 -11.35 22.86
CA ASP A 22 5.93 -12.23 21.97
C ASP A 22 7.36 -12.19 22.42
N TRP A 23 7.82 -13.32 22.91
CA TRP A 23 9.17 -13.48 23.40
C TRP A 23 10.22 -12.94 22.48
N TYR A 24 10.06 -13.16 21.19
CA TYR A 24 11.04 -12.71 20.25
C TYR A 24 11.03 -11.25 19.87
N THR A 25 10.01 -10.51 20.27
CA THR A 25 9.97 -9.08 20.03
C THR A 25 9.83 -8.31 21.33
N LEU A 26 9.82 -9.04 22.43
CA LEU A 26 9.52 -8.44 23.72
C LEU A 26 10.49 -7.36 24.08
N GLN A 27 11.79 -7.58 23.83
CA GLN A 27 12.78 -6.61 24.22
C GLN A 27 12.54 -5.31 23.42
N LYS A 28 12.22 -5.44 22.15
CA LYS A 28 11.95 -4.29 21.32
C LYS A 28 10.62 -3.58 21.74
N ASP A 29 9.57 -4.36 21.97
CA ASP A 29 8.26 -3.83 22.43
C ASP A 29 8.41 -3.04 23.75
N TYR A 30 9.09 -3.68 24.70
CA TYR A 30 9.30 -3.11 26.01
C TYR A 30 9.98 -1.76 25.87
N GLU A 31 10.98 -1.72 25.03
CA GLU A 31 11.73 -0.46 24.86
C GLU A 31 10.96 0.62 24.19
N THR A 32 10.15 0.24 23.20
CA THR A 32 9.27 1.18 22.51
C THR A 32 8.21 1.79 23.48
N VAL A 33 7.62 0.99 24.39
CA VAL A 33 6.66 1.56 25.38
C VAL A 33 7.35 2.65 26.24
N GLY A 34 8.55 2.34 26.64
CA GLY A 34 9.39 3.23 27.44
C GLY A 34 9.63 4.53 26.71
N MET A 35 9.95 4.46 25.43
CA MET A 35 10.23 5.68 24.70
C MET A 35 8.98 6.51 24.52
N LEU A 36 7.83 5.84 24.36
CA LEU A 36 6.59 6.57 24.00
C LEU A 36 5.72 7.02 25.18
N SER A 37 6.15 6.73 26.41
CA SER A 37 5.31 6.89 27.58
C SER A 37 5.84 7.96 28.53
N SER A 38 4.95 8.59 29.27
CA SER A 38 5.33 9.35 30.46
C SER A 38 6.01 8.44 31.50
N PRO A 39 6.73 9.05 32.47
CA PRO A 39 7.35 8.18 33.46
C PRO A 39 6.35 7.29 34.13
N SER A 40 5.17 7.82 34.53
CA SER A 40 4.08 7.02 35.15
C SER A 40 3.63 5.91 34.31
N GLU A 41 3.35 6.27 33.06
CA GLU A 41 2.74 5.24 32.16
C GLU A 41 3.75 4.13 31.83
N GLY A 42 5.00 4.58 31.66
CA GLY A 42 6.15 3.69 31.41
C GLY A 42 6.33 2.68 32.53
N GLN A 43 6.26 3.16 33.77
CA GLN A 43 6.46 2.29 34.90
C GLN A 43 5.24 1.45 35.11
N SER A 44 4.08 1.96 34.76
CA SER A 44 2.87 1.21 34.85
C SER A 44 2.97 -0.04 33.96
N TYR A 45 3.41 0.16 32.72
CA TYR A 45 3.70 -0.99 31.84
C TYR A 45 4.82 -1.87 32.38
N ALA A 46 5.96 -1.26 32.70
CA ALA A 46 7.19 -2.05 33.00
C ALA A 46 7.04 -2.89 34.23
N SER A 47 6.20 -2.40 35.16
CA SER A 47 6.00 -3.00 36.43
C SER A 47 5.48 -4.38 36.28
N GLN A 48 4.74 -4.71 35.22
CA GLN A 48 4.26 -6.11 35.08
C GLN A 48 5.36 -7.16 34.71
N PHE A 49 6.56 -6.72 34.34
CA PHE A 49 7.73 -7.59 34.15
C PHE A 49 8.77 -7.41 35.27
N GLN A 50 8.30 -7.16 36.49
CA GLN A 50 9.19 -6.96 37.65
C GLN A 50 8.75 -7.77 38.84
N GLY A 51 9.65 -7.86 39.82
CA GLY A 51 9.46 -8.72 40.99
C GLY A 51 9.51 -10.19 40.59
N ASP A 52 9.06 -11.06 41.47
CA ASP A 52 8.87 -12.48 41.09
C ASP A 52 7.60 -12.69 40.25
N LYS A 53 6.68 -11.73 40.29
CA LYS A 53 5.48 -11.77 39.43
C LYS A 53 5.73 -11.65 37.91
N ALA A 54 6.93 -11.21 37.50
CA ALA A 54 7.23 -10.89 36.09
C ALA A 54 6.51 -11.82 35.07
N LEU A 55 5.68 -11.19 34.22
CA LEU A 55 4.80 -11.88 33.25
C LEU A 55 5.60 -12.81 32.31
N ASP A 56 6.81 -12.39 31.95
CA ASP A 56 7.73 -13.19 31.12
C ASP A 56 8.32 -14.40 31.82
N LYS A 57 8.50 -14.31 33.14
CA LYS A 57 8.91 -15.45 33.91
C LYS A 57 7.77 -16.45 33.91
N GLN A 58 6.55 -15.96 34.05
CA GLN A 58 5.38 -16.85 34.17
C GLN A 58 4.79 -17.32 32.80
N TYR A 59 5.27 -16.76 31.67
CA TYR A 59 4.88 -17.19 30.27
C TYR A 59 6.05 -17.78 29.47
N GLY A 60 7.21 -17.14 29.58
CA GLY A 60 8.36 -17.43 28.78
C GLY A 60 8.12 -17.33 27.29
N SER A 61 8.32 -18.47 26.65
CA SER A 61 8.35 -18.65 25.23
C SER A 61 7.11 -19.42 24.75
N ASN A 62 6.21 -19.77 25.68
CA ASN A 62 5.13 -20.74 25.43
C ASN A 62 3.77 -20.12 25.19
N VAL A 63 3.70 -18.79 25.23
CA VAL A 63 2.49 -18.03 24.97
C VAL A 63 2.82 -16.86 24.05
N ARG A 64 1.93 -16.60 23.12
CA ARG A 64 2.09 -15.48 22.22
C ARG A 64 0.76 -14.76 22.14
N THR A 65 0.78 -13.45 22.43
CA THR A 65 -0.41 -12.64 22.34
C THR A 65 -0.17 -11.58 21.25
N SER A 66 -0.98 -11.63 20.22
CA SER A 66 -0.74 -10.72 19.06
C SER A 66 -1.91 -9.77 18.94
N VAL A 67 -1.67 -8.63 18.33
CA VAL A 67 -2.64 -7.56 18.26
C VAL A 67 -3.09 -7.31 16.84
N THR A 68 -4.40 -7.13 16.66
CA THR A 68 -4.96 -6.69 15.38
C THR A 68 -5.60 -5.39 15.60
N ILE A 69 -5.16 -4.35 14.94
CA ILE A 69 -5.83 -3.08 15.12
C ILE A 69 -7.08 -2.98 14.25
N VAL A 70 -8.20 -2.57 14.83
CA VAL A 70 -9.45 -2.56 14.09
C VAL A 70 -9.85 -1.18 13.65
N SER A 71 -9.69 -0.18 14.52
CA SER A 71 -10.00 1.23 14.14
C SER A 71 -9.24 2.12 15.08
N ILE A 72 -8.94 3.32 14.59
CA ILE A 72 -8.25 4.27 15.34
C ILE A 72 -8.97 5.54 15.06
N VAL A 73 -9.40 6.22 16.11
CA VAL A 73 -10.14 7.50 16.02
C VAL A 73 -9.49 8.54 16.96
N PRO A 74 -8.69 9.50 16.44
CA PRO A 74 -8.30 10.57 17.36
C PRO A 74 -9.50 11.46 17.62
N ASN A 75 -9.75 11.67 18.91
CA ASN A 75 -11.00 12.23 19.42
C ASN A 75 -10.88 13.73 19.63
N GLY A 76 -9.78 14.34 19.21
CA GLY A 76 -9.45 15.69 19.62
C GLY A 76 -9.05 15.84 21.08
N LYS A 77 -8.44 17.01 21.33
CA LYS A 77 -7.90 17.46 22.61
C LYS A 77 -6.82 16.50 23.16
N GLY A 78 -6.11 15.81 22.28
CA GLY A 78 -5.12 14.82 22.73
C GLY A 78 -5.69 13.57 23.40
N ILE A 79 -6.81 13.08 22.90
CA ILE A 79 -7.35 11.81 23.32
C ILE A 79 -7.68 11.00 22.09
N GLY A 80 -7.34 9.72 22.13
CA GLY A 80 -7.58 8.84 20.99
C GLY A 80 -8.14 7.56 21.47
N THR A 81 -8.90 6.91 20.58
CA THR A 81 -9.54 5.66 20.87
C THR A 81 -9.08 4.58 19.83
N VAL A 82 -8.54 3.51 20.30
CA VAL A 82 -8.08 2.45 19.42
C VAL A 82 -8.88 1.18 19.75
N ARG A 83 -9.64 0.65 18.78
N ARG A 83 -9.67 0.67 18.80
CA ARG A 83 -10.31 -0.63 18.98
CA ARG A 83 -10.33 -0.61 18.97
C ARG A 83 -9.40 -1.64 18.37
C ARG A 83 -9.41 -1.63 18.37
N PHE A 84 -9.23 -2.76 19.04
CA PHE A 84 -8.27 -3.75 18.65
C PHE A 84 -8.63 -5.09 19.16
N ALA A 85 -8.01 -6.13 18.61
CA ALA A 85 -8.22 -7.51 19.07
C ALA A 85 -6.92 -8.04 19.55
N LYS A 86 -6.97 -8.87 20.58
CA LYS A 86 -5.84 -9.58 21.17
C LYS A 86 -6.11 -11.04 21.01
N THR A 87 -5.13 -11.77 20.51
CA THR A 87 -5.29 -13.19 20.18
C THR A 87 -4.20 -13.91 20.88
N THR A 88 -4.57 -14.77 21.83
CA THR A 88 -3.55 -15.49 22.60
C THR A 88 -3.53 -16.94 22.24
N LYS A 89 -2.36 -17.49 21.94
CA LYS A 89 -2.21 -18.94 21.88
C LYS A 89 -0.91 -19.49 22.41
N ARG A 90 -0.98 -20.74 22.91
CA ARG A 90 0.19 -21.47 23.42
C ARG A 90 0.87 -22.03 22.18
N THR A 91 2.19 -22.15 22.20
CA THR A 91 2.93 -22.63 21.03
C THR A 91 3.37 -24.08 21.23
N GLY A 95 -4.92 -24.75 16.65
CA GLY A 95 -5.96 -23.93 16.04
C GLY A 95 -5.64 -22.47 16.25
N ASP A 96 -6.71 -21.66 16.33
CA ASP A 96 -6.58 -20.20 16.28
C ASP A 96 -6.29 -19.45 17.60
N GLY A 97 -6.30 -20.17 18.71
CA GLY A 97 -6.22 -19.56 20.04
C GLY A 97 -7.45 -18.76 20.41
N GLU A 98 -7.29 -17.82 21.33
CA GLU A 98 -8.44 -17.14 21.97
C GLU A 98 -8.35 -15.69 21.58
N THR A 99 -9.38 -15.15 20.93
CA THR A 99 -9.44 -13.74 20.55
C THR A 99 -10.46 -13.00 21.42
N THR A 100 -10.05 -11.88 22.03
CA THR A 100 -10.92 -10.93 22.72
C THR A 100 -10.77 -9.55 22.12
N HIS A 101 -11.81 -8.73 22.18
CA HIS A 101 -11.82 -7.31 21.63
C HIS A 101 -11.85 -6.24 22.70
N TRP A 102 -11.15 -5.14 22.45
CA TRP A 102 -10.81 -4.18 23.50
C TRP A 102 -10.84 -2.79 22.95
N ILE A 103 -10.90 -1.81 23.85
CA ILE A 103 -10.89 -0.43 23.51
C ILE A 103 -9.77 0.22 24.36
N ALA A 104 -8.78 0.79 23.69
CA ALA A 104 -7.78 1.61 24.40
C ALA A 104 -8.16 3.06 24.26
N THR A 105 -8.27 3.75 25.39
CA THR A 105 -8.45 5.19 25.41
C THR A 105 -7.11 5.76 25.86
N ILE A 106 -6.61 6.75 25.10
CA ILE A 106 -5.21 7.15 25.21
C ILE A 106 -5.08 8.63 25.25
N GLY A 107 -4.50 9.16 26.34
CA GLY A 107 -4.22 10.59 26.42
C GLY A 107 -2.82 10.79 25.94
N TYR A 108 -2.58 11.71 25.02
CA TYR A 108 -1.28 11.84 24.42
C TYR A 108 -0.98 13.28 24.06
N GLN A 109 0.28 13.53 23.83
CA GLN A 109 0.79 14.87 23.52
C GLN A 109 2.11 14.75 22.77
N TYR A 110 2.61 15.85 22.24
CA TYR A 110 3.93 15.90 21.66
C TYR A 110 4.82 16.79 22.56
N VAL A 111 5.80 16.19 23.20
CA VAL A 111 6.79 16.83 24.08
C VAL A 111 8.07 17.15 23.36
N ASN A 112 8.87 17.97 24.01
CA ASN A 112 10.13 18.37 23.51
C ASN A 112 11.00 17.17 23.30
N PRO A 113 11.36 16.89 22.03
CA PRO A 113 12.04 15.61 21.74
C PRO A 113 13.53 15.53 22.26
N SER A 114 14.18 16.64 22.55
CA SER A 114 15.56 16.59 23.14
C SER A 114 15.76 15.91 24.54
N LEU A 115 14.68 15.62 25.26
CA LEU A 115 14.74 15.16 26.67
C LEU A 115 14.86 13.71 26.82
N MET A 116 14.92 13.05 25.67
CA MET A 116 15.06 11.60 25.61
C MET A 116 16.54 11.30 25.30
N SER A 117 16.97 10.09 25.63
CA SER A 117 18.21 9.46 25.15
C SER A 117 18.18 9.49 23.69
N GLU A 118 19.36 9.49 23.06
CA GLU A 118 19.39 9.67 21.62
C GLU A 118 18.75 8.47 20.88
N SER A 119 18.74 7.31 21.46
CA SER A 119 18.00 6.20 20.88
C SER A 119 16.53 6.49 20.71
N ALA A 120 15.92 6.95 21.82
CA ALA A 120 14.56 7.37 21.82
C ALA A 120 14.34 8.44 20.80
N ARG A 121 15.26 9.37 20.66
CA ARG A 121 15.02 10.47 19.64
C ARG A 121 15.19 10.07 18.18
N LEU A 122 15.97 9.03 17.92
CA LEU A 122 15.95 8.45 16.57
C LEU A 122 14.58 7.86 16.19
N THR A 123 14.07 6.99 17.04
CA THR A 123 12.79 6.33 16.85
C THR A 123 11.59 7.25 16.94
N ASN A 124 11.61 8.21 17.86
CA ASN A 124 10.47 9.09 18.14
C ASN A 124 10.81 10.58 17.98
N PRO A 125 11.16 11.00 16.79
CA PRO A 125 11.72 12.38 16.73
C PRO A 125 10.71 13.43 16.93
N LEU A 126 9.42 13.10 16.79
CA LEU A 126 8.32 14.04 16.98
C LEU A 126 7.93 14.14 18.44
N GLY A 127 8.37 13.24 19.31
CA GLY A 127 8.12 13.38 20.74
C GLY A 127 6.73 12.92 21.18
N PHE A 128 6.16 11.94 20.50
CA PHE A 128 4.88 11.38 20.88
C PHE A 128 5.02 10.89 22.27
N ASN A 129 4.03 11.18 23.12
CA ASN A 129 4.13 10.85 24.56
C ASN A 129 2.74 10.51 25.18
N VAL A 130 2.62 9.33 25.72
CA VAL A 130 1.34 8.89 26.26
C VAL A 130 1.39 9.27 27.78
N THR A 131 0.39 10.00 28.20
CA THR A 131 0.19 10.38 29.60
C THR A 131 -0.97 9.72 30.25
N SER A 132 -1.87 9.05 29.50
CA SER A 132 -2.85 8.14 30.11
C SER A 132 -3.23 6.99 29.13
N TYR A 133 -3.33 5.78 29.66
CA TYR A 133 -3.65 4.63 28.90
C TYR A 133 -4.61 3.76 29.70
N ARG A 134 -5.74 3.42 29.06
CA ARG A 134 -6.73 2.54 29.71
C ARG A 134 -7.36 1.60 28.68
N VAL A 135 -7.47 0.33 29.02
CA VAL A 135 -8.15 -0.57 28.18
C VAL A 135 -9.46 -1.00 28.85
N ASP A 136 -10.56 -0.99 28.10
CA ASP A 136 -11.89 -1.44 28.56
C ASP A 136 -12.36 -2.49 27.55
N PRO A 137 -13.32 -3.33 27.91
CA PRO A 137 -13.86 -4.30 26.99
C PRO A 137 -14.67 -3.67 25.93
N GLU A 138 -14.67 -4.29 24.75
CA GLU A 138 -15.51 -3.80 23.65
C GLU A 138 -16.93 -4.09 24.06
N MET A 139 -17.85 -3.12 24.00
CA MET A 139 -19.27 -3.37 24.32
C MET A 139 -20.19 -3.09 23.13
N GLY A 140 -19.62 -2.65 22.00
CA GLY A 140 -20.37 -2.13 20.86
C GLY A 140 -20.84 -0.73 21.19
N VAL A 141 -21.83 -0.22 20.45
CA VAL A 141 -22.44 1.09 20.75
C VAL A 141 -23.91 1.01 21.31
N VAL A 142 -24.24 1.99 22.16
CA VAL A 142 -25.60 2.34 22.70
C VAL A 142 -25.54 2.64 24.23
N SER B 1 -7.36 1.20 6.93
CA SER B 1 -6.71 0.05 7.72
C SER B 1 -5.39 0.45 8.39
N TYR B 2 -4.90 -0.43 9.25
CA TYR B 2 -3.63 -0.22 9.88
C TYR B 2 -2.41 -0.20 8.90
N ASP B 3 -2.28 -1.19 8.01
CA ASP B 3 -1.23 -1.12 6.96
C ASP B 3 -1.26 0.18 6.16
N THR B 4 -2.43 0.67 5.77
CA THR B 4 -2.57 2.03 5.14
C THR B 4 -2.10 3.25 6.02
N VAL B 5 -2.47 3.22 7.28
CA VAL B 5 -2.04 4.22 8.28
C VAL B 5 -0.50 4.23 8.34
N ARG B 6 0.05 3.03 8.51
CA ARG B 6 1.50 2.81 8.43
C ARG B 6 2.17 3.36 7.17
N ASP B 7 1.67 2.99 6.01
CA ASP B 7 2.28 3.41 4.78
C ASP B 7 2.12 4.92 4.63
N LYS B 8 1.00 5.47 5.07
CA LYS B 8 0.77 6.92 4.89
C LYS B 8 1.71 7.68 5.79
N TYR B 9 1.95 7.18 6.98
CA TYR B 9 2.89 7.85 7.86
C TYR B 9 4.30 7.85 7.25
N TRP B 10 4.79 6.68 6.85
CA TRP B 10 6.17 6.63 6.32
C TRP B 10 6.36 7.31 4.97
N LEU B 11 5.38 7.25 4.06
CA LEU B 11 5.45 8.04 2.82
C LEU B 11 5.58 9.48 3.16
N SER B 12 4.79 9.97 4.12
CA SER B 12 4.80 11.36 4.50
C SER B 12 6.12 11.76 5.13
N GLN B 13 6.62 10.89 6.01
CA GLN B 13 7.92 11.15 6.63
C GLN B 13 9.04 11.21 5.56
N TYR B 14 8.96 10.37 4.54
CA TYR B 14 9.97 10.35 3.51
C TYR B 14 10.01 11.61 2.71
N VAL B 15 8.85 12.04 2.24
CA VAL B 15 8.73 13.30 1.48
C VAL B 15 9.21 14.49 2.30
N ILE B 16 8.89 14.51 3.61
CA ILE B 16 9.31 15.63 4.47
C ILE B 16 10.85 15.61 4.55
N ALA B 17 11.42 14.41 4.71
CA ALA B 17 12.86 14.32 4.85
C ALA B 17 13.56 14.64 3.57
N ARG B 18 12.98 14.25 2.46
CA ARG B 18 13.70 14.38 1.20
C ARG B 18 13.55 15.74 0.53
N GLU B 19 12.40 16.40 0.80
CA GLU B 19 12.04 17.67 0.12
C GLU B 19 12.26 18.98 0.92
N THR B 20 12.43 18.87 2.24
CA THR B 20 12.82 19.96 3.09
C THR B 20 14.24 20.38 2.73
N TYR B 21 14.50 21.67 2.86
CA TYR B 21 15.85 22.18 2.87
C TYR B 21 15.95 23.06 4.11
N ASP B 22 16.84 22.67 5.01
CA ASP B 22 17.12 23.40 6.23
C ASP B 22 18.58 23.10 6.54
N TRP B 23 19.41 24.11 6.31
CA TRP B 23 20.84 24.05 6.61
C TRP B 23 21.15 23.26 7.88
N TYR B 24 20.47 23.57 8.98
CA TYR B 24 20.82 23.03 10.28
C TYR B 24 20.17 21.68 10.55
N THR B 25 19.28 21.21 9.65
CA THR B 25 18.85 19.79 9.76
C THR B 25 19.21 18.93 8.57
N LEU B 26 19.98 19.50 7.64
CA LEU B 26 20.19 18.84 6.34
C LEU B 26 21.05 17.59 6.43
N GLN B 27 21.99 17.51 7.36
CA GLN B 27 22.79 16.31 7.46
C GLN B 27 21.88 15.21 8.01
N LYS B 28 21.09 15.54 9.02
CA LYS B 28 20.11 14.62 9.59
C LYS B 28 19.01 14.15 8.59
N ASP B 29 18.49 15.09 7.79
CA ASP B 29 17.51 14.75 6.77
C ASP B 29 18.08 13.84 5.67
N TYR B 30 19.29 14.15 5.20
CA TYR B 30 20.00 13.37 4.23
C TYR B 30 20.17 11.94 4.69
N GLU B 31 20.58 11.77 5.95
CA GLU B 31 20.78 10.47 6.58
C GLU B 31 19.48 9.69 6.70
N THR B 32 18.41 10.40 7.07
CA THR B 32 17.09 9.80 7.21
C THR B 32 16.62 9.27 5.86
N VAL B 33 16.81 10.05 4.82
CA VAL B 33 16.43 9.61 3.50
C VAL B 33 17.19 8.33 3.14
N GLY B 34 18.48 8.23 3.47
CA GLY B 34 19.20 7.00 3.13
C GLY B 34 18.69 5.81 3.91
N MET B 35 18.37 6.07 5.17
CA MET B 35 17.85 4.94 6.02
C MET B 35 16.44 4.43 5.63
N LEU B 36 15.65 5.26 4.95
CA LEU B 36 14.34 4.91 4.51
C LEU B 36 14.31 4.48 3.05
N SER B 37 15.48 4.43 2.40
CA SER B 37 15.60 4.14 0.97
C SER B 37 16.26 2.82 0.79
N SER B 38 15.87 2.10 -0.27
CA SER B 38 16.57 0.90 -0.64
C SER B 38 18.03 1.30 -0.97
N PRO B 39 18.94 0.30 -1.08
CA PRO B 39 20.33 0.58 -1.44
C PRO B 39 20.46 1.27 -2.76
N SER B 40 19.74 0.87 -3.79
CA SER B 40 19.93 1.59 -5.06
C SER B 40 19.26 2.92 -5.12
N GLU B 41 18.11 3.07 -4.46
CA GLU B 41 17.49 4.36 -4.44
C GLU B 41 18.33 5.28 -3.56
N GLY B 42 18.91 4.75 -2.46
CA GLY B 42 19.85 5.56 -1.64
C GLY B 42 21.10 6.04 -2.40
N GLN B 43 21.61 5.17 -3.29
CA GLN B 43 22.78 5.52 -4.14
C GLN B 43 22.37 6.57 -5.16
N SER B 44 21.15 6.44 -5.69
CA SER B 44 20.63 7.40 -6.65
C SER B 44 20.35 8.80 -6.04
N TYR B 45 19.75 8.84 -4.86
CA TYR B 45 19.63 10.07 -4.08
C TYR B 45 21.00 10.74 -3.73
N ALA B 46 21.99 9.95 -3.34
CA ALA B 46 23.34 10.49 -3.05
C ALA B 46 23.97 11.19 -4.26
N SER B 47 23.74 10.66 -5.44
CA SER B 47 24.22 11.30 -6.67
C SER B 47 23.66 12.68 -6.99
N GLN B 48 22.52 13.09 -6.42
CA GLN B 48 22.09 14.49 -6.61
C GLN B 48 22.83 15.45 -5.65
N PHE B 49 24.03 15.10 -5.19
CA PHE B 49 24.78 15.97 -4.29
C PHE B 49 26.23 16.03 -4.74
N ASN B 62 21.41 31.89 2.64
CA ASN B 62 20.54 30.83 3.11
C ASN B 62 19.04 30.99 2.71
N VAL B 63 18.53 29.89 2.16
CA VAL B 63 17.14 29.67 1.78
C VAL B 63 16.63 28.58 2.75
N ARG B 64 15.31 28.49 2.91
CA ARG B 64 14.67 27.47 3.74
C ARG B 64 13.38 27.04 3.06
N THR B 65 13.26 25.75 2.75
CA THR B 65 12.08 25.17 2.12
C THR B 65 11.41 24.23 3.08
N SER B 66 10.10 24.46 3.29
CA SER B 66 9.33 23.64 4.21
C SER B 66 8.28 22.97 3.40
N VAL B 67 7.81 21.82 3.91
CA VAL B 67 6.94 20.90 3.16
C VAL B 67 5.62 20.78 3.89
N THR B 68 4.53 20.82 3.12
CA THR B 68 3.20 20.57 3.63
C THR B 68 2.61 19.40 2.92
N ILE B 69 2.28 18.38 3.67
CA ILE B 69 1.74 17.18 3.07
C ILE B 69 0.26 17.45 2.92
N VAL B 70 -0.26 17.32 1.71
CA VAL B 70 -1.68 17.56 1.46
C VAL B 70 -2.46 16.27 1.45
N SER B 71 -2.01 15.22 0.77
CA SER B 71 -2.76 13.97 0.80
C SER B 71 -1.86 12.86 0.35
N ILE B 72 -2.22 11.63 0.72
CA ILE B 72 -1.42 10.47 0.41
C ILE B 72 -2.34 9.32 0.03
N VAL B 73 -2.11 8.70 -1.12
CA VAL B 73 -2.98 7.63 -1.59
C VAL B 73 -2.08 6.45 -1.88
N PRO B 74 -1.95 5.51 -0.96
CA PRO B 74 -1.31 4.26 -1.38
C PRO B 74 -2.24 3.42 -2.28
N ASN B 75 -1.69 2.72 -3.29
CA ASN B 75 -2.48 1.78 -4.09
C ASN B 75 -2.56 0.40 -3.42
N GLY B 76 -1.96 0.23 -2.24
CA GLY B 76 -2.06 -0.98 -1.48
C GLY B 76 -1.15 -2.07 -1.95
N LYS B 77 -0.42 -1.81 -3.01
CA LYS B 77 0.51 -2.79 -3.62
C LYS B 77 1.90 -2.24 -3.83
N GLY B 78 2.30 -1.25 -3.04
CA GLY B 78 3.69 -0.72 -3.14
C GLY B 78 3.92 0.50 -3.99
N ILE B 79 2.86 1.16 -4.39
CA ILE B 79 3.01 2.48 -4.92
C ILE B 79 2.14 3.40 -4.11
N GLY B 80 2.68 4.59 -3.89
CA GLY B 80 1.96 5.61 -3.24
C GLY B 80 2.10 6.91 -3.96
N THR B 81 1.03 7.71 -3.91
CA THR B 81 1.04 9.07 -4.42
C THR B 81 0.90 10.11 -3.35
N VAL B 82 1.83 11.06 -3.29
CA VAL B 82 1.80 12.06 -2.27
C VAL B 82 1.67 13.41 -2.94
N ARG B 83 0.60 14.11 -2.60
CA ARG B 83 0.45 15.53 -3.00
C ARG B 83 0.96 16.37 -1.84
N PHE B 84 1.77 17.35 -2.20
CA PHE B 84 2.47 18.13 -1.22
C PHE B 84 2.83 19.51 -1.80
N ALA B 85 3.14 20.42 -0.89
CA ALA B 85 3.59 21.77 -1.23
C ALA B 85 4.92 22.00 -0.63
N LYS B 86 5.72 22.79 -1.32
CA LYS B 86 7.01 23.28 -0.81
C LYS B 86 6.98 24.78 -0.73
N THR B 87 7.41 25.31 0.39
CA THR B 87 7.39 26.73 0.60
C THR B 87 8.82 27.12 0.85
N THR B 88 9.35 27.86 -0.11
CA THR B 88 10.74 28.34 -0.12
C THR B 88 10.80 29.82 0.28
N LYS B 89 11.52 30.13 1.35
CA LYS B 89 11.68 31.50 1.81
C LYS B 89 13.17 31.85 1.78
N ARG B 90 13.54 33.04 1.30
CA ARG B 90 14.87 33.60 1.65
C ARG B 90 14.83 33.98 3.14
N THR B 91 15.70 33.37 3.95
CA THR B 91 15.74 33.69 5.38
C THR B 91 16.42 35.06 5.58
N ASN B 92 15.61 36.02 6.03
CA ASN B 92 15.76 37.48 5.81
C ASN B 92 14.88 37.98 4.62
N GLU B 93 13.64 37.50 4.61
CA GLU B 93 12.48 38.20 4.03
C GLU B 93 11.44 38.09 5.15
N THR B 94 10.27 38.70 4.99
CA THR B 94 9.30 38.74 6.10
C THR B 94 8.25 37.62 6.05
N GLY B 95 7.70 37.32 4.87
CA GLY B 95 6.52 36.44 4.75
C GLY B 95 6.81 34.96 4.90
N ASP B 96 6.14 34.13 4.10
CA ASP B 96 6.56 32.71 3.94
C ASP B 96 7.16 32.40 2.56
N GLY B 97 7.22 33.36 1.63
CA GLY B 97 7.89 33.16 0.35
C GLY B 97 7.04 32.48 -0.73
N GLU B 98 7.70 31.75 -1.63
CA GLU B 98 7.05 31.18 -2.82
C GLU B 98 6.62 29.74 -2.52
N THR B 99 5.36 29.42 -2.79
CA THR B 99 4.78 28.10 -2.55
C THR B 99 4.43 27.46 -3.84
N THR B 100 5.00 26.29 -4.13
CA THR B 100 4.60 25.47 -5.29
C THR B 100 4.09 24.05 -4.88
N HIS B 101 3.43 23.38 -5.80
CA HIS B 101 2.71 22.14 -5.55
C HIS B 101 3.23 21.02 -6.42
N TRP B 102 3.25 19.81 -5.85
CA TRP B 102 3.96 18.67 -6.42
C TRP B 102 3.24 17.36 -6.14
N ILE B 103 3.61 16.35 -6.91
CA ILE B 103 3.11 14.98 -6.73
C ILE B 103 4.33 14.06 -6.72
N ALA B 104 4.53 13.39 -5.60
CA ALA B 104 5.58 12.37 -5.52
C ALA B 104 4.91 11.08 -5.88
N THR B 105 5.50 10.30 -6.78
CA THR B 105 5.10 8.94 -7.05
C THR B 105 6.22 8.08 -6.54
N ILE B 106 5.87 7.17 -5.60
CA ILE B 106 6.83 6.46 -4.73
C ILE B 106 6.58 4.95 -4.70
N GLY B 107 7.55 4.17 -5.10
CA GLY B 107 7.47 2.76 -4.96
C GLY B 107 8.08 2.48 -3.62
N TYR B 108 7.55 1.47 -2.91
CA TYR B 108 8.13 1.11 -1.61
C TYR B 108 7.80 -0.29 -1.19
N GLN B 109 8.51 -0.84 -0.22
CA GLN B 109 8.20 -2.19 0.34
C GLN B 109 8.77 -2.18 1.75
N TYR B 110 8.55 -3.26 2.48
CA TYR B 110 9.09 -3.42 3.80
C TYR B 110 10.09 -4.57 3.75
N VAL B 111 11.28 -4.33 4.27
CA VAL B 111 12.30 -5.31 4.48
C VAL B 111 12.40 -5.71 5.93
N ASN B 112 13.02 -6.87 6.15
CA ASN B 112 13.43 -7.28 7.49
C ASN B 112 14.36 -6.21 8.13
N PRO B 113 13.89 -5.51 9.17
CA PRO B 113 14.72 -4.52 9.86
C PRO B 113 16.07 -5.03 10.35
N SER B 114 16.23 -6.33 10.65
CA SER B 114 17.53 -6.94 10.96
C SER B 114 18.52 -6.84 9.82
N LEU B 115 18.06 -6.60 8.60
CA LEU B 115 18.93 -6.55 7.46
C LEU B 115 19.41 -5.12 7.22
N MET B 116 19.32 -4.24 8.22
CA MET B 116 19.97 -2.95 8.17
C MET B 116 20.83 -2.63 9.40
N SER B 117 21.53 -1.51 9.41
CA SER B 117 22.32 -1.16 10.61
C SER B 117 21.42 -0.94 11.82
N GLU B 118 22.04 -0.96 13.00
CA GLU B 118 21.36 -0.82 14.25
C GLU B 118 20.79 0.57 14.33
N SER B 119 21.56 1.53 13.89
CA SER B 119 21.10 2.92 13.83
C SER B 119 19.94 3.11 12.84
N ALA B 120 20.07 2.45 11.67
CA ALA B 120 19.06 2.49 10.68
C ALA B 120 17.79 1.96 11.22
N ARG B 121 17.88 0.90 12.01
CA ARG B 121 16.72 0.21 12.54
C ARG B 121 16.00 1.05 13.66
N LEU B 122 16.73 1.93 14.35
CA LEU B 122 16.16 2.85 15.32
C LEU B 122 15.40 3.98 14.62
N THR B 123 15.98 4.51 13.56
CA THR B 123 15.28 5.47 12.72
C THR B 123 14.11 4.83 11.99
N ASN B 124 14.21 3.58 11.60
CA ASN B 124 13.27 2.95 10.64
C ASN B 124 12.91 1.58 11.17
N PRO B 125 12.16 1.54 12.24
CA PRO B 125 11.92 0.24 12.91
C PRO B 125 11.08 -0.77 12.16
N LEU B 126 10.23 -0.32 11.25
CA LEU B 126 9.44 -1.25 10.44
C LEU B 126 10.17 -1.71 9.21
N GLY B 127 11.34 -1.13 8.89
CA GLY B 127 12.06 -1.51 7.67
C GLY B 127 11.42 -1.02 6.37
N PHE B 128 10.88 0.18 6.44
CA PHE B 128 10.30 0.81 5.30
C PHE B 128 11.42 1.17 4.31
N ASN B 129 11.23 0.90 3.03
CA ASN B 129 12.25 1.17 2.02
C ASN B 129 11.59 1.68 0.72
N VAL B 130 11.87 2.92 0.36
CA VAL B 130 11.55 3.46 -0.95
C VAL B 130 12.49 2.82 -1.99
N THR B 131 11.89 2.23 -3.01
CA THR B 131 12.56 1.62 -4.12
C THR B 131 12.58 2.50 -5.37
N SER B 132 11.72 3.50 -5.45
CA SER B 132 11.74 4.48 -6.56
C SER B 132 10.98 5.71 -6.13
N TYR B 133 11.37 6.87 -6.67
CA TYR B 133 10.80 8.11 -6.27
C TYR B 133 10.86 9.06 -7.41
N ARG B 134 9.73 9.64 -7.80
CA ARG B 134 9.73 10.71 -8.83
C ARG B 134 8.81 11.80 -8.36
N VAL B 135 9.22 13.05 -8.56
CA VAL B 135 8.41 14.22 -8.21
C VAL B 135 8.03 14.95 -9.50
N ASP B 136 6.75 15.28 -9.66
CA ASP B 136 6.25 16.06 -10.83
C ASP B 136 5.42 17.23 -10.37
N PRO B 137 5.46 18.36 -11.11
CA PRO B 137 4.62 19.53 -10.80
C PRO B 137 3.12 19.19 -10.87
N GLU B 138 2.30 19.73 -9.97
CA GLU B 138 0.89 19.28 -9.81
C GLU B 138 0.04 19.70 -10.99
N SER C 1 23.36 -13.75 -15.50
CA SER C 1 22.54 -14.87 -14.92
C SER C 1 21.28 -15.16 -15.72
N TYR C 2 20.66 -16.30 -15.43
CA TYR C 2 19.42 -16.65 -16.06
C TYR C 2 18.30 -15.61 -15.71
N ASP C 3 18.09 -15.35 -14.42
CA ASP C 3 17.13 -14.33 -13.96
C ASP C 3 17.29 -13.00 -14.71
N THR C 4 18.51 -12.55 -14.94
CA THR C 4 18.78 -11.38 -15.79
C THR C 4 18.39 -11.55 -17.29
N VAL C 5 18.69 -12.69 -17.83
CA VAL C 5 18.33 -12.99 -19.24
C VAL C 5 16.79 -12.90 -19.37
N ARG C 6 16.13 -13.58 -18.49
CA ARG C 6 14.67 -13.51 -18.30
C ARG C 6 14.14 -12.13 -18.17
N ASP C 7 14.70 -11.33 -17.26
CA ASP C 7 14.19 -9.99 -17.06
C ASP C 7 14.39 -9.12 -18.26
N LYS C 8 15.54 -9.20 -18.90
CA LYS C 8 15.83 -8.43 -20.13
C LYS C 8 14.89 -8.81 -21.25
N TYR C 9 14.61 -10.05 -21.39
CA TYR C 9 13.66 -10.41 -22.43
C TYR C 9 12.25 -9.80 -22.20
N TRP C 10 11.66 -10.01 -21.03
CA TRP C 10 10.32 -9.48 -20.75
C TRP C 10 10.25 -7.95 -20.68
N LEU C 11 11.25 -7.31 -20.10
CA LEU C 11 11.28 -5.88 -20.16
C LEU C 11 11.31 -5.37 -21.61
N SER C 12 12.05 -6.03 -22.48
CA SER C 12 12.16 -5.60 -23.88
C SER C 12 10.85 -5.87 -24.60
N GLN C 13 10.25 -7.01 -24.37
CA GLN C 13 8.93 -7.30 -24.91
C GLN C 13 7.88 -6.30 -24.49
N TYR C 14 7.96 -5.83 -23.26
CA TYR C 14 7.00 -4.89 -22.76
C TYR C 14 7.09 -3.60 -23.49
N VAL C 15 8.30 -3.08 -23.59
CA VAL C 15 8.53 -1.75 -24.26
C VAL C 15 8.13 -1.87 -25.75
N ILE C 16 8.41 -3.01 -26.38
CA ILE C 16 8.00 -3.25 -27.77
C ILE C 16 6.50 -3.20 -27.80
N ALA C 17 5.83 -3.88 -26.88
CA ALA C 17 4.37 -3.89 -26.96
C ALA C 17 3.71 -2.58 -26.66
N ARG C 18 4.25 -1.84 -25.70
CA ARG C 18 3.64 -0.63 -25.26
C ARG C 18 3.91 0.58 -26.15
N GLU C 19 5.08 0.65 -26.80
CA GLU C 19 5.51 1.83 -27.59
C GLU C 19 5.42 1.71 -29.10
N THR C 20 5.19 0.52 -29.63
CA THR C 20 4.90 0.33 -31.02
C THR C 20 3.54 0.94 -31.39
N TYR C 21 3.45 1.52 -32.58
CA TYR C 21 2.16 1.89 -33.17
C TYR C 21 2.10 1.19 -34.50
N ASP C 22 1.19 0.25 -34.61
CA ASP C 22 0.92 -0.44 -35.88
C ASP C 22 -0.57 -0.82 -35.90
N TRP C 23 -1.30 -0.15 -36.81
CA TRP C 23 -2.74 -0.35 -36.96
C TRP C 23 -3.17 -1.80 -36.92
N TYR C 24 -2.49 -2.67 -37.67
CA TYR C 24 -2.92 -4.07 -37.82
C TYR C 24 -2.56 -4.91 -36.64
N THR C 25 -1.75 -4.36 -35.73
CA THR C 25 -1.41 -5.10 -34.53
C THR C 25 -1.75 -4.40 -33.20
N LEU C 26 -2.36 -3.23 -33.30
CA LEU C 26 -2.63 -2.37 -32.14
C LEU C 26 -3.50 -3.01 -31.07
N GLN C 27 -4.48 -3.82 -31.48
CA GLN C 27 -5.34 -4.45 -30.52
C GLN C 27 -4.60 -5.60 -29.80
N LYS C 28 -3.80 -6.40 -30.51
CA LYS C 28 -3.02 -7.45 -29.87
C LYS C 28 -1.94 -6.87 -28.91
N ASP C 29 -1.36 -5.76 -29.32
CA ASP C 29 -0.34 -5.07 -28.59
C ASP C 29 -0.90 -4.52 -27.30
N TYR C 30 -2.10 -3.93 -27.39
CA TYR C 30 -2.82 -3.41 -26.25
C TYR C 30 -3.13 -4.49 -25.25
N GLU C 31 -3.65 -5.61 -25.77
CA GLU C 31 -3.91 -6.77 -24.94
C GLU C 31 -2.64 -7.32 -24.26
N THR C 32 -1.55 -7.43 -24.98
CA THR C 32 -0.25 -7.89 -24.44
C THR C 32 0.20 -6.98 -23.29
N VAL C 33 0.12 -5.69 -23.44
CA VAL C 33 0.53 -4.80 -22.37
C VAL C 33 -0.29 -5.08 -21.09
N GLY C 34 -1.62 -5.30 -21.27
CA GLY C 34 -2.46 -5.60 -20.10
C GLY C 34 -2.06 -6.89 -19.42
N MET C 35 -1.79 -7.88 -20.23
CA MET C 35 -1.40 -9.19 -19.67
C MET C 35 0.01 -9.22 -18.97
N LEU C 36 0.84 -8.26 -19.25
CA LEU C 36 2.15 -8.10 -18.71
C LEU C 36 2.20 -7.03 -17.62
N SER C 37 1.07 -6.44 -17.30
CA SER C 37 0.97 -5.32 -16.37
C SER C 37 0.24 -5.76 -15.15
N SER C 38 0.64 -5.16 -14.01
CA SER C 38 -0.09 -5.36 -12.77
C SER C 38 -1.53 -4.86 -13.05
N PRO C 39 -2.50 -5.24 -12.18
CA PRO C 39 -3.82 -4.66 -12.25
C PRO C 39 -3.85 -3.12 -12.28
N SER C 40 -3.15 -2.47 -11.36
CA SER C 40 -3.21 -1.00 -11.34
C SER C 40 -2.53 -0.41 -12.52
N GLU C 41 -1.38 -0.95 -12.91
CA GLU C 41 -0.67 -0.38 -14.07
C GLU C 41 -1.46 -0.64 -15.36
N GLY C 42 -2.09 -1.80 -15.45
CA GLY C 42 -3.06 -2.08 -16.55
C GLY C 42 -4.21 -1.09 -16.61
N GLN C 43 -4.79 -0.70 -15.46
CA GLN C 43 -5.85 0.34 -15.37
C GLN C 43 -5.30 1.68 -15.79
N SER C 44 -4.07 1.95 -15.39
CA SER C 44 -3.46 3.24 -15.70
C SER C 44 -3.10 3.37 -17.16
N TYR C 45 -2.61 2.30 -17.75
CA TYR C 45 -2.32 2.25 -19.15
C TYR C 45 -3.61 2.44 -20.02
N ALA C 46 -4.68 1.78 -19.62
CA ALA C 46 -5.96 1.82 -20.34
C ALA C 46 -6.52 3.22 -20.34
N SER C 47 -6.43 3.90 -19.21
CA SER C 47 -6.90 5.30 -19.15
C SER C 47 -6.13 6.20 -20.14
N GLN C 48 -4.82 6.07 -20.13
CA GLN C 48 -3.95 6.97 -20.86
C GLN C 48 -3.83 6.60 -22.31
N PHE C 49 -4.39 5.45 -22.67
CA PHE C 49 -4.49 5.09 -24.05
C PHE C 49 -5.58 5.97 -24.69
N GLN C 50 -5.19 6.62 -25.81
CA GLN C 50 -6.05 7.42 -26.70
C GLN C 50 -5.68 7.12 -28.17
N VAL C 63 0.41 6.21 -40.38
CA VAL C 63 1.64 6.15 -39.60
C VAL C 63 1.96 4.73 -39.08
N ARG C 64 3.25 4.47 -38.88
CA ARG C 64 3.72 3.26 -38.20
C ARG C 64 4.96 3.62 -37.34
N THR C 65 4.93 3.36 -36.03
CA THR C 65 6.05 3.68 -35.15
C THR C 65 6.64 2.35 -34.69
N SER C 66 7.91 2.16 -34.98
CA SER C 66 8.57 0.91 -34.66
C SER C 66 9.61 1.13 -33.54
N VAL C 67 9.87 0.05 -32.81
CA VAL C 67 10.73 0.12 -31.63
C VAL C 67 12.02 -0.58 -31.87
N THR C 68 13.11 0.06 -31.48
CA THR C 68 14.45 -0.55 -31.47
C THR C 68 14.99 -0.53 -30.06
N ILE C 69 15.21 -1.73 -29.48
CA ILE C 69 15.78 -1.74 -28.16
C ILE C 69 17.27 -1.57 -28.24
N VAL C 70 17.81 -0.65 -27.48
CA VAL C 70 19.24 -0.31 -27.51
C VAL C 70 19.99 -0.92 -26.32
N SER C 71 19.45 -0.83 -25.10
CA SER C 71 20.01 -1.63 -23.96
C SER C 71 19.01 -1.73 -22.83
N ILE C 72 19.24 -2.74 -21.98
CA ILE C 72 18.37 -3.11 -20.86
C ILE C 72 19.26 -3.36 -19.64
N VAL C 73 19.06 -2.59 -18.59
CA VAL C 73 19.81 -2.79 -17.37
C VAL C 73 18.87 -2.98 -16.19
N PRO C 74 18.67 -4.21 -15.75
CA PRO C 74 17.96 -4.42 -14.51
C PRO C 74 18.88 -4.21 -13.31
N ASN C 75 18.33 -3.76 -12.17
CA ASN C 75 19.12 -3.54 -10.95
C ASN C 75 19.09 -4.77 -10.07
N GLY C 76 18.46 -5.86 -10.53
CA GLY C 76 18.48 -7.11 -9.79
C GLY C 76 17.39 -7.16 -8.74
N LYS C 77 16.74 -6.02 -8.47
CA LYS C 77 15.76 -5.89 -7.38
C LYS C 77 14.38 -5.39 -7.83
N GLY C 78 14.01 -5.50 -9.09
CA GLY C 78 12.66 -5.07 -9.54
C GLY C 78 12.52 -3.71 -10.21
N ILE C 79 13.64 -3.08 -10.54
CA ILE C 79 13.66 -1.91 -11.42
C ILE C 79 14.53 -2.19 -12.63
N GLY C 80 14.06 -1.83 -13.80
CA GLY C 80 14.85 -1.97 -15.04
C GLY C 80 14.87 -0.67 -15.78
N THR C 81 16.00 -0.37 -16.45
CA THR C 81 16.15 0.77 -17.35
C THR C 81 16.33 0.30 -18.76
N VAL C 82 15.43 0.69 -19.64
CA VAL C 82 15.47 0.32 -21.02
C VAL C 82 15.76 1.54 -21.86
N ARG C 83 16.86 1.54 -22.59
CA ARG C 83 17.08 2.61 -23.57
C ARG C 83 16.62 2.10 -24.88
N PHE C 84 15.84 2.91 -25.58
CA PHE C 84 15.23 2.49 -26.80
C PHE C 84 14.99 3.67 -27.76
N ALA C 85 14.77 3.34 -29.02
CA ALA C 85 14.38 4.35 -30.02
C ALA C 85 13.02 4.06 -30.58
N LYS C 86 12.32 5.12 -30.94
CA LYS C 86 11.06 5.02 -31.68
C LYS C 86 11.26 5.65 -33.06
N THR C 87 10.86 4.92 -34.10
CA THR C 87 10.95 5.40 -35.49
C THR C 87 9.55 5.45 -36.08
N THR C 88 9.08 6.66 -36.38
CA THR C 88 7.80 6.82 -37.11
C THR C 88 8.05 6.96 -38.59
N LYS C 89 7.21 6.32 -39.42
CA LYS C 89 7.30 6.35 -40.90
C LYS C 89 5.95 6.47 -41.56
N GLY C 95 11.13 7.52 -47.17
CA GLY C 95 12.55 7.24 -47.00
C GLY C 95 12.87 6.52 -45.70
N ASP C 96 13.03 7.31 -44.63
CA ASP C 96 13.49 6.80 -43.32
C ASP C 96 12.57 7.04 -42.13
N GLY C 97 12.05 8.27 -42.03
CA GLY C 97 11.17 8.70 -40.96
C GLY C 97 11.94 9.33 -39.82
N GLU C 98 11.24 9.73 -38.76
CA GLU C 98 11.86 10.35 -37.60
C GLU C 98 12.10 9.30 -36.51
N THR C 99 13.32 9.28 -35.99
CA THR C 99 13.71 8.47 -34.87
C THR C 99 14.01 9.34 -33.65
N THR C 100 13.36 9.03 -32.52
CA THR C 100 13.65 9.70 -31.25
C THR C 100 14.13 8.67 -30.23
N HIS C 101 14.85 9.15 -29.22
CA HIS C 101 15.49 8.25 -28.23
C HIS C 101 14.92 8.46 -26.81
N TRP C 102 14.82 7.36 -26.06
CA TRP C 102 14.05 7.36 -24.83
C TRP C 102 14.65 6.43 -23.79
N ILE C 103 14.18 6.60 -22.58
CA ILE C 103 14.54 5.82 -21.43
C ILE C 103 13.28 5.48 -20.68
N ALA C 104 12.93 4.20 -20.67
CA ALA C 104 11.84 3.67 -19.84
C ALA C 104 12.40 3.28 -18.51
N THR C 105 11.83 3.78 -17.40
CA THR C 105 12.14 3.26 -16.06
C THR C 105 10.99 2.41 -15.61
N ILE C 106 11.26 1.14 -15.31
CA ILE C 106 10.16 0.14 -15.21
C ILE C 106 10.29 -0.62 -13.91
N GLY C 107 9.28 -0.56 -13.06
CA GLY C 107 9.30 -1.42 -11.84
C GLY C 107 8.60 -2.70 -12.28
N TYR C 108 9.00 -3.87 -11.74
CA TYR C 108 8.35 -5.14 -12.13
C TYR C 108 8.59 -6.17 -11.08
N GLN C 109 7.80 -7.25 -11.10
CA GLN C 109 7.96 -8.43 -10.22
C GLN C 109 7.30 -9.62 -10.96
N TYR C 110 7.41 -10.79 -10.42
CA TYR C 110 6.80 -11.97 -10.97
C TYR C 110 5.74 -12.41 -9.96
N VAL C 111 4.58 -12.83 -10.45
CA VAL C 111 3.50 -13.30 -9.65
C VAL C 111 3.24 -14.73 -10.03
N ASN C 112 2.51 -15.40 -9.18
CA ASN C 112 2.05 -16.73 -9.49
C ASN C 112 1.17 -16.70 -10.79
N PRO C 113 1.63 -17.33 -11.88
CA PRO C 113 0.86 -17.39 -13.12
C PRO C 113 -0.58 -17.93 -12.99
N SER C 114 -0.87 -18.75 -11.97
CA SER C 114 -2.27 -19.17 -11.74
C SER C 114 -3.17 -18.06 -11.29
N LEU C 115 -2.60 -16.94 -10.86
CA LEU C 115 -3.41 -15.77 -10.44
C LEU C 115 -3.81 -14.86 -11.61
N MET C 116 -3.76 -15.36 -12.80
CA MET C 116 -4.19 -14.62 -13.96
C MET C 116 -5.06 -15.48 -14.87
N SER C 117 -5.65 -14.91 -15.91
CA SER C 117 -6.52 -15.75 -16.77
C SER C 117 -5.67 -16.77 -17.54
N GLU C 118 -6.33 -17.77 -18.09
CA GLU C 118 -5.67 -18.78 -18.95
C GLU C 118 -5.00 -18.13 -20.16
N SER C 119 -5.68 -17.22 -20.83
CA SER C 119 -5.10 -16.51 -21.95
C SER C 119 -3.91 -15.66 -21.57
N ALA C 120 -4.05 -14.89 -20.48
CA ALA C 120 -2.92 -14.14 -19.94
C ALA C 120 -1.74 -15.02 -19.70
N ARG C 121 -1.99 -16.22 -19.19
CA ARG C 121 -0.92 -17.10 -18.79
C ARG C 121 -0.19 -17.75 -19.99
N LEU C 122 -0.89 -17.88 -21.13
CA LEU C 122 -0.25 -18.32 -22.38
C LEU C 122 0.62 -17.22 -22.99
N THR C 123 0.19 -15.98 -22.92
CA THR C 123 1.07 -14.93 -23.32
C THR C 123 2.20 -14.68 -22.32
N ASN C 124 2.01 -14.98 -21.03
CA ASN C 124 2.92 -14.54 -19.94
C ASN C 124 3.08 -15.69 -19.01
N PRO C 125 3.75 -16.73 -19.47
CA PRO C 125 3.89 -17.94 -18.68
C PRO C 125 4.63 -17.84 -17.35
N LEU C 126 5.56 -16.87 -17.24
CA LEU C 126 6.35 -16.68 -16.02
C LEU C 126 5.61 -15.72 -15.07
N GLY C 127 4.50 -15.09 -15.50
CA GLY C 127 3.79 -14.11 -14.60
C GLY C 127 4.58 -12.82 -14.34
N PHE C 128 5.22 -12.39 -15.38
CA PHE C 128 5.86 -11.09 -15.37
C PHE C 128 4.77 -10.00 -15.25
N ASN C 129 4.98 -9.04 -14.35
CA ASN C 129 4.04 -7.92 -14.16
C ASN C 129 4.80 -6.63 -14.01
N VAL C 130 4.56 -5.68 -14.91
CA VAL C 130 5.04 -4.30 -14.71
C VAL C 130 4.13 -3.62 -13.69
N THR C 131 4.72 -3.08 -12.63
CA THR C 131 4.03 -2.38 -11.58
C THR C 131 4.14 -0.90 -11.74
N SER C 132 5.08 -0.40 -12.54
CA SER C 132 5.17 1.06 -12.83
C SER C 132 6.00 1.28 -14.05
N TYR C 133 5.73 2.36 -14.74
CA TYR C 133 6.32 2.55 -16.05
C TYR C 133 6.39 3.99 -16.25
N ARG C 134 7.58 4.52 -16.52
CA ARG C 134 7.74 5.91 -16.93
C ARG C 134 8.74 5.98 -18.08
N VAL C 135 8.45 6.83 -19.08
CA VAL C 135 9.35 7.06 -20.25
C VAL C 135 9.81 8.49 -20.25
N ASP C 136 11.11 8.70 -20.37
CA ASP C 136 11.70 10.05 -20.44
C ASP C 136 12.60 10.17 -21.65
N PRO C 137 12.68 11.38 -22.23
CA PRO C 137 13.62 11.56 -23.34
C PRO C 137 15.07 11.30 -22.93
N GLU C 138 15.88 10.87 -23.89
CA GLU C 138 17.32 10.83 -23.72
C GLU C 138 17.99 12.08 -24.30
N SER D 1 -19.83 -29.51 -3.83
CA SER D 1 -20.19 -29.77 -2.40
C SER D 1 -20.47 -28.43 -1.67
N TYR D 2 -20.63 -28.52 -0.35
CA TYR D 2 -20.84 -27.33 0.47
C TYR D 2 -19.69 -26.27 0.33
N ASP D 3 -18.40 -26.66 0.41
CA ASP D 3 -17.27 -25.77 0.06
C ASP D 3 -17.45 -25.10 -1.29
N THR D 4 -17.83 -25.88 -2.29
CA THR D 4 -18.11 -25.29 -3.62
C THR D 4 -19.22 -24.23 -3.59
N VAL D 5 -20.28 -24.49 -2.83
CA VAL D 5 -21.46 -23.60 -2.76
C VAL D 5 -21.01 -22.36 -2.02
N ARG D 6 -20.33 -22.55 -0.92
CA ARG D 6 -19.77 -21.46 -0.13
C ARG D 6 -18.85 -20.61 -1.00
N ASP D 7 -17.89 -21.27 -1.67
CA ASP D 7 -16.90 -20.53 -2.44
C ASP D 7 -17.52 -19.83 -3.62
N LYS D 8 -18.45 -20.47 -4.30
CA LYS D 8 -19.07 -19.84 -5.41
C LYS D 8 -19.89 -18.62 -4.96
N TYR D 9 -20.62 -18.75 -3.86
CA TYR D 9 -21.32 -17.55 -3.34
C TYR D 9 -20.40 -16.33 -3.11
N TRP D 10 -19.33 -16.57 -2.40
CA TRP D 10 -18.45 -15.45 -2.02
C TRP D 10 -17.68 -14.80 -3.18
N LEU D 11 -17.27 -15.62 -4.14
CA LEU D 11 -16.57 -15.15 -5.31
C LEU D 11 -17.47 -14.24 -6.06
N SER D 12 -18.74 -14.63 -6.16
CA SER D 12 -19.66 -13.80 -6.93
C SER D 12 -20.03 -12.55 -6.13
N GLN D 13 -20.28 -12.68 -4.82
CA GLN D 13 -20.51 -11.49 -4.01
C GLN D 13 -19.33 -10.50 -4.14
N TYR D 14 -18.09 -11.02 -4.16
CA TYR D 14 -16.89 -10.19 -4.29
C TYR D 14 -16.86 -9.42 -5.60
N VAL D 15 -17.14 -10.10 -6.73
CA VAL D 15 -17.10 -9.46 -8.04
C VAL D 15 -18.19 -8.42 -8.19
N ILE D 16 -19.39 -8.73 -7.68
CA ILE D 16 -20.50 -7.80 -7.70
C ILE D 16 -20.13 -6.52 -6.91
N ALA D 17 -19.60 -6.72 -5.71
CA ALA D 17 -19.26 -5.58 -4.88
C ALA D 17 -18.16 -4.76 -5.49
N ARG D 18 -17.16 -5.46 -6.02
CA ARG D 18 -15.99 -4.78 -6.52
C ARG D 18 -16.22 -4.17 -7.89
N GLU D 19 -17.07 -4.77 -8.73
CA GLU D 19 -17.21 -4.23 -10.11
C GLU D 19 -18.42 -3.35 -10.40
N THR D 20 -19.34 -3.22 -9.43
CA THR D 20 -20.57 -2.44 -9.62
C THR D 20 -20.27 -0.98 -9.35
N TYR D 21 -20.77 -0.08 -10.16
CA TYR D 21 -20.76 1.34 -9.81
C TYR D 21 -22.18 1.85 -9.85
N ASP D 22 -22.74 2.12 -8.68
CA ASP D 22 -24.12 2.61 -8.55
C ASP D 22 -24.10 3.49 -7.34
N TRP D 23 -24.36 4.78 -7.55
CA TRP D 23 -24.32 5.78 -6.49
C TRP D 23 -25.15 5.39 -5.27
N TYR D 24 -26.25 4.70 -5.45
CA TYR D 24 -27.14 4.35 -4.34
C TYR D 24 -26.83 3.06 -3.60
N THR D 25 -26.00 2.18 -4.18
CA THR D 25 -25.48 1.01 -3.45
C THR D 25 -24.03 1.21 -3.02
N LEU D 26 -23.43 2.34 -3.42
CA LEU D 26 -21.97 2.45 -3.38
C LEU D 26 -21.38 2.29 -2.00
N GLN D 27 -22.03 2.85 -0.99
CA GLN D 27 -21.52 2.84 0.36
C GLN D 27 -21.50 1.39 0.88
N LYS D 28 -22.56 0.65 0.55
CA LYS D 28 -22.68 -0.74 0.91
C LYS D 28 -21.65 -1.64 0.11
N ASP D 29 -21.53 -1.39 -1.19
CA ASP D 29 -20.56 -2.11 -2.04
C ASP D 29 -19.14 -1.87 -1.52
N TYR D 30 -18.89 -0.64 -1.10
CA TYR D 30 -17.57 -0.22 -0.70
C TYR D 30 -17.23 -0.90 0.57
N GLU D 31 -18.20 -0.97 1.47
CA GLU D 31 -17.95 -1.60 2.75
C GLU D 31 -17.83 -3.07 2.63
N THR D 32 -18.62 -3.70 1.75
CA THR D 32 -18.45 -5.15 1.50
C THR D 32 -17.05 -5.53 0.96
N VAL D 33 -16.46 -4.73 0.04
CA VAL D 33 -15.14 -5.03 -0.50
C VAL D 33 -14.13 -5.06 0.66
N GLY D 34 -14.18 -4.05 1.52
CA GLY D 34 -13.35 -3.90 2.76
C GLY D 34 -13.43 -5.13 3.67
N MET D 35 -14.62 -5.63 3.94
CA MET D 35 -14.79 -6.76 4.83
C MET D 35 -14.23 -8.03 4.25
N LEU D 36 -14.30 -8.13 2.93
CA LEU D 36 -13.94 -9.34 2.24
C LEU D 36 -12.52 -9.34 1.68
N SER D 37 -11.73 -8.31 1.93
CA SER D 37 -10.41 -8.23 1.33
C SER D 37 -9.29 -8.23 2.36
N SER D 38 -8.13 -8.71 1.93
CA SER D 38 -6.86 -8.47 2.62
C SER D 38 -6.64 -6.94 2.70
N PRO D 39 -5.72 -6.45 3.57
CA PRO D 39 -5.61 -4.99 3.57
C PRO D 39 -5.11 -4.46 2.31
N SER D 40 -4.14 -5.12 1.67
CA SER D 40 -3.67 -4.67 0.36
C SER D 40 -4.76 -4.65 -0.72
N GLU D 41 -5.58 -5.71 -0.81
CA GLU D 41 -6.65 -5.70 -1.84
C GLU D 41 -7.73 -4.64 -1.57
N GLY D 42 -8.08 -4.53 -0.27
CA GLY D 42 -8.99 -3.46 0.25
C GLY D 42 -8.52 -2.09 -0.18
N GLN D 43 -7.23 -1.81 0.01
CA GLN D 43 -6.73 -0.49 -0.31
C GLN D 43 -6.62 -0.29 -1.82
N SER D 44 -6.33 -1.37 -2.53
CA SER D 44 -6.28 -1.37 -3.97
C SER D 44 -7.61 -0.96 -4.56
N TYR D 45 -8.67 -1.58 -4.04
CA TYR D 45 -10.03 -1.13 -4.39
C TYR D 45 -10.24 0.29 -3.95
N ALA D 46 -10.07 0.53 -2.66
CA ALA D 46 -10.55 1.83 -2.11
C ALA D 46 -9.83 3.03 -2.68
N SER D 47 -8.58 2.83 -3.12
CA SER D 47 -7.77 3.93 -3.60
C SER D 47 -8.36 4.58 -4.84
N GLN D 48 -9.17 3.83 -5.60
CA GLN D 48 -9.82 4.47 -6.76
C GLN D 48 -10.91 5.50 -6.37
N PHE D 49 -11.33 5.53 -5.11
CA PHE D 49 -12.23 6.55 -4.55
C PHE D 49 -11.57 7.54 -3.56
N GLN D 50 -10.26 7.78 -3.65
CA GLN D 50 -9.53 8.61 -2.63
C GLN D 50 -8.82 9.78 -3.24
N LEU D 55 -13.14 8.92 -8.57
CA LEU D 55 -14.06 8.13 -9.39
C LEU D 55 -15.55 8.41 -9.11
N ASP D 56 -15.94 8.52 -7.84
CA ASP D 56 -17.35 8.81 -7.49
C ASP D 56 -17.72 10.26 -7.67
N LYS D 57 -16.76 11.17 -7.46
CA LYS D 57 -16.97 12.59 -7.76
C LYS D 57 -16.62 12.89 -9.21
N GLN D 58 -15.99 11.94 -9.91
CA GLN D 58 -15.96 11.97 -11.37
C GLN D 58 -17.32 11.62 -11.97
N TYR D 59 -17.90 10.49 -11.54
CA TYR D 59 -19.16 9.96 -12.09
C TYR D 59 -20.44 10.46 -11.39
N GLY D 60 -20.38 10.78 -10.10
CA GLY D 60 -21.60 11.07 -9.33
C GLY D 60 -22.65 10.00 -9.51
N SER D 61 -23.92 10.42 -9.72
CA SER D 61 -25.04 9.50 -10.00
C SER D 61 -25.45 9.48 -11.49
N ASN D 62 -24.57 9.95 -12.37
CA ASN D 62 -24.80 9.97 -13.84
C ASN D 62 -24.42 8.72 -14.62
N VAL D 63 -23.71 7.78 -13.98
CA VAL D 63 -23.18 6.57 -14.60
C VAL D 63 -23.50 5.37 -13.71
N ARG D 64 -23.98 4.30 -14.31
CA ARG D 64 -24.29 3.10 -13.58
C ARG D 64 -23.60 1.94 -14.28
N THR D 65 -22.78 1.16 -13.54
CA THR D 65 -22.18 -0.01 -14.11
C THR D 65 -22.68 -1.20 -13.30
N SER D 66 -23.36 -2.13 -13.93
CA SER D 66 -23.88 -3.26 -13.19
C SER D 66 -23.26 -4.51 -13.79
N VAL D 67 -23.18 -5.53 -12.96
CA VAL D 67 -22.50 -6.76 -13.22
C VAL D 67 -23.51 -7.86 -13.47
N THR D 68 -23.21 -8.75 -14.42
CA THR D 68 -23.91 -9.99 -14.60
C THR D 68 -22.93 -11.11 -14.48
N ILE D 69 -23.13 -12.05 -13.56
CA ILE D 69 -22.18 -13.16 -13.35
C ILE D 69 -22.54 -14.23 -14.38
N VAL D 70 -21.58 -14.73 -15.13
CA VAL D 70 -21.84 -15.67 -16.21
C VAL D 70 -21.43 -17.07 -15.82
N SER D 71 -20.28 -17.26 -15.20
CA SER D 71 -19.91 -18.59 -14.60
C SER D 71 -18.96 -18.36 -13.45
N ILE D 72 -18.89 -19.34 -12.56
CA ILE D 72 -18.01 -19.31 -11.46
C ILE D 72 -17.38 -20.68 -11.33
N VAL D 73 -16.05 -20.75 -11.43
CA VAL D 73 -15.32 -22.00 -11.30
C VAL D 73 -14.24 -21.91 -10.21
N PRO D 74 -14.48 -22.46 -9.01
CA PRO D 74 -13.31 -22.53 -8.11
C PRO D 74 -12.34 -23.57 -8.64
N ASN D 75 -11.07 -23.20 -8.67
CA ASN D 75 -10.10 -23.90 -9.49
C ASN D 75 -9.29 -24.84 -8.63
N GLY D 76 -9.81 -25.26 -7.48
CA GLY D 76 -9.00 -25.86 -6.42
C GLY D 76 -7.95 -24.93 -5.82
N LYS D 77 -7.53 -25.30 -4.61
CA LYS D 77 -6.39 -24.74 -3.89
C LYS D 77 -6.46 -23.20 -3.73
N GLY D 78 -7.67 -22.73 -3.42
CA GLY D 78 -7.93 -21.29 -3.16
C GLY D 78 -7.72 -20.32 -4.31
N ILE D 79 -7.98 -20.76 -5.54
CA ILE D 79 -8.10 -19.82 -6.67
C ILE D 79 -9.41 -20.04 -7.38
N GLY D 80 -10.06 -18.94 -7.81
CA GLY D 80 -11.35 -19.03 -8.48
C GLY D 80 -11.38 -18.10 -9.65
N THR D 81 -12.17 -18.49 -10.65
CA THR D 81 -12.35 -17.75 -11.83
C THR D 81 -13.81 -17.39 -12.00
N VAL D 82 -14.08 -16.11 -12.21
CA VAL D 82 -15.42 -15.63 -12.40
C VAL D 82 -15.51 -14.94 -13.77
N ARG D 83 -16.35 -15.46 -14.66
CA ARG D 83 -16.62 -14.76 -15.89
C ARG D 83 -17.84 -13.90 -15.66
N PHE D 84 -17.81 -12.67 -16.16
CA PHE D 84 -18.90 -11.74 -15.90
C PHE D 84 -18.97 -10.72 -16.96
N ALA D 85 -20.12 -10.07 -17.09
CA ALA D 85 -20.22 -8.87 -17.96
C ALA D 85 -20.42 -7.66 -17.11
N LYS D 86 -19.89 -6.54 -17.59
CA LYS D 86 -20.17 -5.26 -17.00
C LYS D 86 -20.88 -4.45 -18.06
N THR D 87 -21.94 -3.78 -17.64
CA THR D 87 -22.77 -3.00 -18.49
C THR D 87 -22.84 -1.61 -17.92
N THR D 88 -22.45 -0.62 -18.72
CA THR D 88 -22.45 0.78 -18.29
C THR D 88 -23.44 1.58 -19.12
N LYS D 89 -24.36 2.28 -18.43
CA LYS D 89 -25.35 3.16 -19.03
C LYS D 89 -25.22 4.48 -18.37
N ARG D 90 -25.36 5.54 -19.15
CA ARG D 90 -25.58 6.84 -18.54
C ARG D 90 -26.99 6.79 -17.96
N THR D 91 -27.14 7.35 -16.78
CA THR D 91 -28.31 7.07 -15.93
C THR D 91 -29.64 7.66 -16.46
N ASN D 92 -29.52 8.71 -17.28
CA ASN D 92 -30.65 9.24 -18.06
C ASN D 92 -31.43 8.17 -18.82
N GLU D 93 -30.69 7.35 -19.54
CA GLU D 93 -31.17 6.78 -20.79
C GLU D 93 -31.73 5.36 -20.71
N THR D 94 -32.79 5.12 -21.48
CA THR D 94 -33.16 3.78 -21.92
C THR D 94 -32.14 3.41 -23.01
N GLY D 95 -32.15 2.12 -23.34
CA GLY D 95 -31.09 1.53 -24.14
C GLY D 95 -30.33 0.57 -23.24
N ASP D 96 -29.52 -0.26 -23.87
CA ASP D 96 -28.78 -1.26 -23.15
C ASP D 96 -27.45 -0.74 -22.62
N GLY D 97 -26.97 0.40 -23.14
CA GLY D 97 -25.63 0.87 -22.81
C GLY D 97 -24.56 -0.03 -23.40
N GLU D 98 -23.35 0.00 -22.85
CA GLU D 98 -22.25 -0.77 -23.43
C GLU D 98 -21.88 -1.85 -22.46
N THR D 99 -21.78 -3.06 -22.98
CA THR D 99 -21.51 -4.24 -22.25
C THR D 99 -20.17 -4.81 -22.71
N THR D 100 -19.29 -5.12 -21.76
CA THR D 100 -18.02 -5.84 -22.02
C THR D 100 -17.94 -7.06 -21.15
N HIS D 101 -17.27 -8.09 -21.64
CA HIS D 101 -17.04 -9.32 -20.87
C HIS D 101 -15.60 -9.48 -20.25
N TRP D 102 -15.48 -10.11 -19.06
CA TRP D 102 -14.26 -10.10 -18.26
C TRP D 102 -14.09 -11.41 -17.51
N ILE D 103 -12.88 -11.64 -17.01
CA ILE D 103 -12.56 -12.84 -16.26
C ILE D 103 -11.88 -12.26 -15.03
N ALA D 104 -12.44 -12.56 -13.84
CA ALA D 104 -11.75 -12.21 -12.61
C ALA D 104 -11.11 -13.49 -12.12
N THR D 105 -9.80 -13.40 -11.87
CA THR D 105 -9.08 -14.50 -11.27
C THR D 105 -8.82 -14.10 -9.83
N ILE D 106 -9.12 -15.00 -8.88
CA ILE D 106 -9.25 -14.58 -7.49
C ILE D 106 -8.60 -15.51 -6.57
N GLY D 107 -7.62 -15.00 -5.82
CA GLY D 107 -6.95 -15.81 -4.82
C GLY D 107 -7.66 -15.51 -3.52
N TYR D 108 -8.05 -16.56 -2.79
CA TYR D 108 -8.87 -16.38 -1.60
C TYR D 108 -8.55 -17.50 -0.60
N GLN D 109 -8.98 -17.26 0.63
CA GLN D 109 -8.84 -18.16 1.78
C GLN D 109 -9.91 -17.82 2.82
N TYR D 110 -9.99 -18.62 3.89
CA TYR D 110 -10.83 -18.33 5.01
C TYR D 110 -9.94 -18.11 6.26
N VAL D 111 -9.99 -16.92 6.80
CA VAL D 111 -9.19 -16.49 7.93
C VAL D 111 -9.99 -16.60 9.19
N ASN D 112 -9.31 -16.42 10.31
CA ASN D 112 -9.93 -16.36 11.64
C ASN D 112 -10.93 -15.29 11.69
N PRO D 113 -12.22 -15.63 11.83
CA PRO D 113 -13.21 -14.54 11.76
C PRO D 113 -13.22 -13.67 13.04
N SER D 114 -12.67 -14.15 14.16
CA SER D 114 -12.58 -13.35 15.42
C SER D 114 -11.79 -12.07 15.30
N LEU D 115 -10.94 -11.96 14.27
CA LEU D 115 -10.05 -10.81 14.10
C LEU D 115 -10.75 -9.66 13.51
N MET D 116 -11.92 -9.88 12.97
CA MET D 116 -12.65 -8.85 12.25
C MET D 116 -13.45 -8.00 13.27
N SER D 117 -13.73 -6.75 12.90
CA SER D 117 -14.75 -5.93 13.57
C SER D 117 -16.13 -6.63 13.69
N GLU D 118 -16.93 -6.08 14.59
CA GLU D 118 -18.34 -6.47 14.80
C GLU D 118 -19.20 -6.64 13.53
N SER D 119 -19.28 -5.65 12.67
CA SER D 119 -20.20 -5.67 11.56
C SER D 119 -19.70 -6.59 10.47
N ALA D 120 -18.42 -6.50 10.13
CA ALA D 120 -17.76 -7.52 9.35
C ALA D 120 -18.03 -8.93 9.76
N ARG D 121 -17.99 -9.24 11.04
CA ARG D 121 -18.25 -10.65 11.47
C ARG D 121 -19.72 -11.12 11.33
N LEU D 122 -20.63 -10.16 11.38
CA LEU D 122 -22.03 -10.47 11.08
C LEU D 122 -22.22 -10.84 9.59
N THR D 123 -21.70 -10.00 8.70
CA THR D 123 -21.82 -10.20 7.25
C THR D 123 -20.96 -11.38 6.76
N ASN D 124 -19.81 -11.59 7.36
CA ASN D 124 -18.83 -12.58 6.86
C ASN D 124 -18.35 -13.47 7.94
N PRO D 125 -19.25 -14.25 8.51
CA PRO D 125 -18.85 -15.04 9.70
C PRO D 125 -17.91 -16.19 9.43
N LEU D 126 -17.79 -16.60 8.15
CA LEU D 126 -16.88 -17.65 7.71
C LEU D 126 -15.47 -17.15 7.48
N GLY D 127 -15.29 -15.83 7.33
CA GLY D 127 -13.95 -15.23 7.18
C GLY D 127 -13.41 -15.26 5.75
N PHE D 128 -14.30 -15.34 4.76
CA PHE D 128 -13.90 -15.18 3.36
C PHE D 128 -12.99 -14.02 3.24
N ASN D 129 -11.86 -14.23 2.57
CA ASN D 129 -10.79 -13.19 2.47
C ASN D 129 -10.04 -13.34 1.12
N VAL D 130 -10.08 -12.29 0.34
CA VAL D 130 -9.44 -12.26 -0.97
C VAL D 130 -8.04 -11.65 -0.76
N THR D 131 -7.04 -12.36 -1.25
CA THR D 131 -5.62 -11.97 -1.18
C THR D 131 -5.08 -11.57 -2.54
N SER D 132 -5.70 -11.98 -3.66
CA SER D 132 -5.35 -11.45 -4.97
C SER D 132 -6.57 -11.35 -5.89
N TYR D 133 -6.65 -10.29 -6.65
CA TYR D 133 -7.75 -10.07 -7.49
C TYR D 133 -7.21 -9.46 -8.76
N ARG D 134 -7.57 -10.06 -9.88
CA ARG D 134 -7.13 -9.53 -11.19
C ARG D 134 -8.23 -9.65 -12.27
N VAL D 135 -8.46 -8.60 -13.06
CA VAL D 135 -9.41 -8.71 -14.12
C VAL D 135 -8.68 -8.72 -15.46
N ASP D 136 -9.03 -9.67 -16.34
CA ASP D 136 -8.47 -9.78 -17.71
C ASP D 136 -9.69 -9.82 -18.68
N PRO D 137 -9.49 -9.39 -19.93
CA PRO D 137 -10.55 -9.48 -20.94
C PRO D 137 -10.90 -10.90 -21.27
N GLU D 138 -12.17 -11.10 -21.60
CA GLU D 138 -12.60 -12.41 -22.08
C GLU D 138 -12.02 -12.60 -23.48
N MET D 139 -11.40 -13.78 -23.69
CA MET D 139 -10.90 -14.31 -24.97
C MET D 139 -11.49 -15.79 -25.14
N GLY D 140 -10.67 -16.84 -25.31
CA GLY D 140 -11.19 -18.17 -25.71
C GLY D 140 -11.68 -19.10 -24.60
#